data_8ET9
#
_entry.id   8ET9
#
_cell.length_a   1.00
_cell.length_b   1.00
_cell.length_c   1.00
_cell.angle_alpha   90.00
_cell.angle_beta   90.00
_cell.angle_gamma   90.00
#
_symmetry.space_group_name_H-M   'P 1'
#
loop_
_entity.id
_entity.type
_entity.pdbx_description
1 polymer OCT2
2 non-polymer 1-methyl-4-phenylpyridin-1-ium
#
_entity_poly.entity_id   1
_entity_poly.type   'polypeptide(L)'
_entity_poly.pdbx_seq_one_letter_code
;MPTTFDDILEHIGEFGRFQKQTFFLLCLLSAAFAPIYVGIVFLGFTPDHRCRSPGVAELSQRCGWSLEEELNYTVPGVGS
SGEASPSQCRRYEVDWNQTGLSCTDPLASLAANRSHLPLGPCQDGWVYDTPGSSIVTEFNLVCADSWMLDLVQAAVNVGF
FVGSMSIGYIADRFGRKLCLLVTILINAISGVLMAVAPNYTWMLIFRLIQGLVSKGGWLIGYTLPTEFVGLEYRRTVGIL
YQMAFSVGLLVLAGVAYAIPHWRWLQLAVTLPNFFFLLYYWCIPESPRWLISQNKNAKAMKIIKHIAKKNGKKLPKSLQE
ERKETEVGEKLNPSFLDLVRTPQIRKHTLILMYNWFTSSVLYQGLIMHMGIAGGNIYLDFFYSALVEFPAAFIIILTIDR
IGRRYPWAAANMVAGAACLITAFIPDGLFWLKTTVACLGRMGITMAFEMVCFVNTELYPTFIRNLGVLVCSSLCDIGGII
TPFLVYRLASIWLELPLVVFAVLGLIAGGLVLLLPETKGKPLPETIEDAENPHRPRKNKEKMIYLQVLLSDIPDN
;
_entity_poly.pdbx_strand_id   A
#
# COMPACT_ATOMS: atom_id res chain seq x y z
N THR A 3 38.19 -5.51 -15.73
CA THR A 3 37.35 -4.33 -15.63
C THR A 3 35.98 -4.69 -15.07
N THR A 4 35.51 -3.90 -14.09
CA THR A 4 34.22 -4.12 -13.47
C THR A 4 33.49 -2.79 -13.36
N PHE A 5 32.16 -2.88 -13.27
CA PHE A 5 31.34 -1.66 -13.25
C PHE A 5 31.63 -0.81 -12.03
N ASP A 6 31.89 -1.44 -10.87
CA ASP A 6 32.11 -0.67 -9.66
C ASP A 6 33.33 0.24 -9.79
N ASP A 7 34.43 -0.29 -10.32
CA ASP A 7 35.64 0.53 -10.46
C ASP A 7 35.40 1.69 -11.42
N ILE A 8 34.74 1.43 -12.55
CA ILE A 8 34.43 2.51 -13.49
C ILE A 8 33.55 3.56 -12.82
N LEU A 9 32.60 3.11 -12.01
CA LEU A 9 31.71 4.03 -11.31
C LEU A 9 32.47 4.89 -10.32
N GLU A 10 33.48 4.32 -9.68
CA GLU A 10 34.24 5.08 -8.67
C GLU A 10 34.88 6.31 -9.28
N HIS A 11 35.50 6.18 -10.45
CA HIS A 11 36.17 7.31 -11.07
C HIS A 11 35.18 8.41 -11.42
N ILE A 12 34.02 8.04 -11.97
CA ILE A 12 33.00 9.04 -12.30
C ILE A 12 32.46 9.68 -11.03
N GLY A 13 32.33 8.91 -9.96
CA GLY A 13 31.82 9.41 -8.70
C GLY A 13 30.60 8.66 -8.23
N GLU A 14 30.70 8.01 -7.08
CA GLU A 14 29.60 7.20 -6.57
C GLU A 14 28.35 8.04 -6.35
N PHE A 15 28.51 9.19 -5.70
CA PHE A 15 27.41 10.10 -5.42
C PHE A 15 27.85 11.49 -5.83
N GLY A 16 27.18 12.05 -6.84
CA GLY A 16 27.54 13.35 -7.36
C GLY A 16 26.34 14.13 -7.85
N ARG A 17 26.58 15.14 -8.69
CA ARG A 17 25.47 15.96 -9.16
C ARG A 17 24.45 15.13 -9.93
N PHE A 18 24.92 14.25 -10.81
CA PHE A 18 24.01 13.45 -11.62
C PHE A 18 23.14 12.56 -10.75
N GLN A 19 23.75 11.88 -9.77
CA GLN A 19 22.97 11.01 -8.89
C GLN A 19 21.96 11.82 -8.09
N LYS A 20 22.36 12.99 -7.58
CA LYS A 20 21.43 13.82 -6.84
C LYS A 20 20.22 14.18 -7.70
N GLN A 21 20.47 14.64 -8.93
CA GLN A 21 19.37 15.03 -9.81
C GLN A 21 18.48 13.84 -10.11
N THR A 22 19.08 12.70 -10.46
CA THR A 22 18.29 11.53 -10.83
C THR A 22 17.43 11.07 -9.66
N PHE A 23 18.01 10.98 -8.46
CA PHE A 23 17.25 10.53 -7.32
C PHE A 23 16.14 11.51 -6.95
N PHE A 24 16.44 12.81 -7.04
CA PHE A 24 15.42 13.80 -6.71
C PHE A 24 14.24 13.69 -7.66
N LEU A 25 14.51 13.50 -8.96
CA LEU A 25 13.41 13.30 -9.89
C LEU A 25 12.69 11.99 -9.63
N LEU A 26 13.44 10.92 -9.29
CA LEU A 26 12.84 9.60 -9.19
C LEU A 26 11.93 9.49 -7.97
N CYS A 27 12.35 10.02 -6.82
CA CYS A 27 11.63 9.76 -5.58
C CYS A 27 10.20 10.28 -5.65
N LEU A 28 9.94 11.27 -6.50
CA LEU A 28 8.57 11.77 -6.63
C LEU A 28 7.61 10.68 -7.08
N LEU A 29 8.10 9.71 -7.86
CA LEU A 29 7.24 8.60 -8.27
C LEU A 29 6.71 7.84 -7.06
N SER A 30 7.48 7.78 -5.98
CA SER A 30 7.01 7.14 -4.76
C SER A 30 5.76 7.82 -4.24
N ALA A 31 5.75 9.15 -4.25
CA ALA A 31 4.56 9.87 -3.83
C ALA A 31 3.37 9.53 -4.72
N ALA A 32 3.60 9.45 -6.03
CA ALA A 32 2.52 9.12 -6.94
C ALA A 32 2.00 7.70 -6.74
N PHE A 33 2.82 6.80 -6.21
CA PHE A 33 2.33 5.47 -5.89
C PHE A 33 1.74 5.38 -4.50
N ALA A 34 1.98 6.37 -3.64
CA ALA A 34 1.40 6.33 -2.30
C ALA A 34 -0.12 6.17 -2.34
N PRO A 35 -0.86 6.89 -3.18
CA PRO A 35 -2.32 6.70 -3.19
C PRO A 35 -2.75 5.28 -3.55
N ILE A 36 -2.26 4.74 -4.66
CA ILE A 36 -2.84 3.50 -5.19
C ILE A 36 -2.91 2.44 -4.10
N TYR A 37 -1.90 2.36 -3.24
CA TYR A 37 -1.83 1.27 -2.28
C TYR A 37 -2.95 1.36 -1.25
N VAL A 38 -3.12 2.53 -0.62
CA VAL A 38 -3.97 2.64 0.56
C VAL A 38 -4.96 3.78 0.44
N GLY A 39 -5.39 4.07 -0.78
CA GLY A 39 -6.35 5.13 -1.00
C GLY A 39 -7.79 4.78 -0.75
N ILE A 40 -8.11 3.50 -0.53
CA ILE A 40 -9.49 3.14 -0.26
C ILE A 40 -9.97 3.80 1.03
N VAL A 41 -9.05 4.05 1.97
CA VAL A 41 -9.44 4.63 3.25
C VAL A 41 -10.12 5.98 3.06
N PHE A 42 -9.71 6.74 2.06
CA PHE A 42 -10.29 8.05 1.80
C PHE A 42 -11.25 8.07 0.62
N LEU A 43 -10.92 7.37 -0.47
CA LEU A 43 -11.82 7.33 -1.62
C LEU A 43 -13.15 6.73 -1.24
N GLY A 44 -13.13 5.64 -0.47
CA GLY A 44 -14.35 5.04 0.04
C GLY A 44 -14.35 4.95 1.54
N PHE A 45 -15.19 5.73 2.19
CA PHE A 45 -15.36 5.69 3.63
C PHE A 45 -16.83 5.67 3.97
N THR A 46 -17.17 4.96 5.05
CA THR A 46 -18.56 4.75 5.41
C THR A 46 -18.94 5.72 6.52
N PRO A 47 -19.75 6.74 6.26
CA PRO A 47 -20.21 7.63 7.32
C PRO A 47 -21.48 7.09 7.97
N ASP A 48 -21.90 7.78 9.03
CA ASP A 48 -23.18 7.46 9.65
C ASP A 48 -24.31 7.76 8.67
N HIS A 49 -25.24 6.82 8.53
CA HIS A 49 -26.25 6.89 7.48
C HIS A 49 -27.56 6.30 8.01
N ARG A 50 -28.65 6.63 7.32
CA ARG A 50 -29.96 6.14 7.72
C ARG A 50 -30.87 6.01 6.51
N CYS A 51 -31.86 5.13 6.62
CA CYS A 51 -32.79 4.90 5.52
C CYS A 51 -33.60 6.16 5.24
N ARG A 52 -33.83 6.42 3.95
CA ARG A 52 -34.64 7.57 3.57
C ARG A 52 -36.05 7.44 4.14
N SER A 53 -36.56 8.56 4.66
CA SER A 53 -37.91 8.63 5.23
C SER A 53 -38.66 9.75 4.54
N PRO A 54 -39.42 9.46 3.48
CA PRO A 54 -40.16 10.54 2.81
C PRO A 54 -41.09 11.29 3.74
N GLY A 55 -41.75 10.60 4.66
CA GLY A 55 -42.61 11.28 5.62
C GLY A 55 -41.84 12.16 6.58
N VAL A 56 -40.60 11.77 6.92
CA VAL A 56 -39.78 12.60 7.79
C VAL A 56 -39.51 13.95 7.14
N ALA A 57 -39.34 13.96 5.82
CA ALA A 57 -39.11 15.23 5.13
C ALA A 57 -40.29 16.19 5.34
N GLU A 58 -41.52 15.68 5.20
CA GLU A 58 -42.68 16.51 5.45
C GLU A 58 -42.76 16.92 6.93
N LEU A 59 -42.48 15.98 7.83
CA LEU A 59 -42.62 16.27 9.26
C LEU A 59 -41.60 17.29 9.74
N SER A 60 -40.45 17.39 9.06
CA SER A 60 -39.40 18.30 9.51
C SER A 60 -39.87 19.75 9.52
N GLN A 61 -40.65 20.16 8.52
CA GLN A 61 -41.13 21.53 8.45
C GLN A 61 -42.36 21.78 9.30
N ARG A 62 -43.06 20.72 9.71
CA ARG A 62 -44.24 20.91 10.57
C ARG A 62 -43.87 21.56 11.89
N CYS A 63 -42.79 21.10 12.51
CA CYS A 63 -42.34 21.62 13.80
C CYS A 63 -40.82 21.77 13.78
N GLY A 64 -40.30 22.40 14.83
CA GLY A 64 -38.88 22.53 15.00
C GLY A 64 -38.17 21.19 15.06
N TRP A 65 -37.12 21.02 14.26
CA TRP A 65 -36.39 19.76 14.19
C TRP A 65 -34.90 20.00 14.32
N SER A 66 -34.23 19.06 14.97
CA SER A 66 -32.78 19.07 15.10
C SER A 66 -32.23 17.71 14.69
N LEU A 67 -31.03 17.71 14.12
CA LEU A 67 -30.44 16.46 13.66
C LEU A 67 -30.28 15.47 14.81
N GLU A 68 -29.75 15.93 15.94
CA GLU A 68 -29.60 15.04 17.09
C GLU A 68 -30.96 14.61 17.63
N GLU A 69 -31.90 15.54 17.73
CA GLU A 69 -33.24 15.19 18.20
C GLU A 69 -33.92 14.22 17.24
N GLU A 70 -33.94 14.55 15.95
CA GLU A 70 -34.57 13.67 14.98
C GLU A 70 -33.86 12.34 14.87
N LEU A 71 -32.62 12.24 15.35
CA LEU A 71 -31.86 11.01 15.21
C LEU A 71 -32.54 9.84 15.90
N ASN A 72 -33.24 10.09 17.01
CA ASN A 72 -33.78 9.01 17.85
C ASN A 72 -35.28 8.82 17.69
N TYR A 73 -36.09 9.86 17.91
CA TYR A 73 -37.53 9.66 17.96
C TYR A 73 -38.14 9.37 16.59
N THR A 74 -37.40 9.57 15.51
CA THR A 74 -37.88 9.24 14.16
C THR A 74 -37.01 8.19 13.49
N VAL A 75 -36.29 7.39 14.27
CA VAL A 75 -35.48 6.30 13.73
C VAL A 75 -35.61 5.09 14.62
N PRO A 76 -35.59 3.89 14.04
CA PRO A 76 -35.71 2.68 14.86
C PRO A 76 -34.61 2.61 15.90
N GLY A 77 -34.99 2.19 17.10
CA GLY A 77 -34.03 2.10 18.19
C GLY A 77 -33.00 1.02 17.96
N VAL A 78 -31.80 1.26 18.47
CA VAL A 78 -30.70 0.32 18.36
C VAL A 78 -30.82 -0.71 19.47
N GLY A 79 -30.32 -1.91 19.19
CA GLY A 79 -30.32 -2.99 20.17
C GLY A 79 -31.35 -4.07 19.93
N SER A 80 -32.12 -3.99 18.86
CA SER A 80 -33.11 -5.00 18.52
C SER A 80 -32.59 -5.87 17.38
N SER A 81 -32.56 -7.18 17.60
CA SER A 81 -32.01 -8.13 16.63
C SER A 81 -30.69 -7.61 16.07
N GLY A 82 -29.82 -7.19 16.96
CA GLY A 82 -28.56 -6.57 16.58
C GLY A 82 -28.34 -5.25 17.30
N GLU A 83 -27.10 -4.98 17.67
CA GLU A 83 -26.80 -3.74 18.40
C GLU A 83 -27.19 -2.51 17.58
N ALA A 84 -26.91 -2.52 16.29
CA ALA A 84 -27.21 -1.40 15.41
C ALA A 84 -27.98 -1.78 14.16
N SER A 85 -28.34 -3.05 13.99
CA SER A 85 -29.04 -3.47 12.78
C SER A 85 -30.27 -2.64 12.47
N PRO A 86 -31.16 -2.35 13.42
CA PRO A 86 -32.38 -1.60 13.08
C PRO A 86 -32.10 -0.20 12.57
N SER A 87 -31.28 0.56 13.30
CA SER A 87 -31.03 1.94 12.92
C SER A 87 -30.29 2.02 11.59
N GLN A 88 -29.38 1.07 11.33
CA GLN A 88 -28.56 1.13 10.15
C GLN A 88 -29.38 1.11 8.87
N CYS A 89 -30.03 -0.03 8.58
CA CYS A 89 -30.73 -0.19 7.31
C CYS A 89 -32.08 -0.88 7.51
N ARG A 90 -32.87 -0.41 8.47
CA ARG A 90 -34.24 -0.85 8.63
C ARG A 90 -35.13 0.36 8.84
N ARG A 91 -36.26 0.38 8.14
CA ARG A 91 -37.20 1.51 8.16
C ARG A 91 -38.50 1.07 8.82
N TYR A 92 -39.00 1.91 9.73
CA TYR A 92 -40.25 1.59 10.41
C TYR A 92 -41.42 1.56 9.43
N GLU A 93 -41.37 2.36 8.38
CA GLU A 93 -42.42 2.41 7.37
C GLU A 93 -43.77 2.79 7.98
N VAL A 94 -43.74 3.72 8.94
CA VAL A 94 -44.96 4.20 9.58
C VAL A 94 -45.62 5.23 8.67
N ASP A 95 -46.89 5.54 8.94
CA ASP A 95 -47.63 6.52 8.15
C ASP A 95 -47.37 7.92 8.69
N TRP A 96 -46.12 8.34 8.55
CA TRP A 96 -45.72 9.66 9.05
C TRP A 96 -46.44 10.77 8.29
N ASN A 97 -46.53 10.65 6.97
CA ASN A 97 -47.14 11.68 6.15
C ASN A 97 -48.66 11.50 6.12
N GLN A 98 -49.38 12.58 6.38
CA GLN A 98 -50.84 12.63 6.40
C GLN A 98 -51.44 11.97 7.64
N THR A 99 -50.63 11.35 8.49
CA THR A 99 -51.10 10.69 9.70
C THR A 99 -50.18 10.98 10.86
N GLY A 100 -49.76 12.24 11.00
CA GLY A 100 -48.88 12.62 12.09
C GLY A 100 -49.60 12.86 13.39
N LEU A 101 -49.44 11.93 14.33
CA LEU A 101 -50.13 12.06 15.61
C LEU A 101 -49.71 13.32 16.35
N SER A 102 -48.41 13.60 16.38
CA SER A 102 -47.90 14.78 17.06
C SER A 102 -46.40 14.88 16.81
N CYS A 103 -45.85 16.06 17.07
CA CYS A 103 -44.41 16.27 16.87
C CYS A 103 -43.59 15.55 17.92
N THR A 104 -44.04 15.58 19.18
CA THR A 104 -43.26 14.99 20.26
C THR A 104 -43.17 13.48 20.11
N ASP A 105 -44.32 12.82 19.91
CA ASP A 105 -44.40 11.36 19.85
C ASP A 105 -45.17 10.95 18.60
N PRO A 106 -44.57 11.15 17.42
CA PRO A 106 -45.26 10.75 16.19
C PRO A 106 -45.55 9.25 16.11
N LEU A 107 -44.68 8.42 16.68
CA LEU A 107 -44.84 6.97 16.62
C LEU A 107 -45.26 6.36 17.95
N ALA A 108 -45.37 7.16 19.01
CA ALA A 108 -45.79 6.62 20.30
C ALA A 108 -47.21 6.08 20.22
N SER A 109 -48.10 6.79 19.55
CA SER A 109 -49.48 6.33 19.41
C SER A 109 -49.63 5.23 18.37
N LEU A 110 -48.74 5.19 17.37
CA LEU A 110 -48.84 4.15 16.34
C LEU A 110 -48.46 2.79 16.92
N ALA A 111 -47.35 2.73 17.66
CA ALA A 111 -46.89 1.48 18.22
C ALA A 111 -46.89 1.53 19.75
N ALA A 112 -46.25 2.55 20.31
CA ALA A 112 -46.10 2.72 21.75
C ALA A 112 -45.05 1.75 22.31
N ASN A 113 -44.52 0.87 21.46
CA ASN A 113 -43.49 -0.08 21.85
C ASN A 113 -42.48 -0.21 20.73
N ARG A 114 -41.19 -0.25 21.09
CA ARG A 114 -40.14 -0.47 20.11
C ARG A 114 -40.37 -1.77 19.36
N SER A 115 -40.66 -2.85 20.09
CA SER A 115 -40.96 -4.13 19.45
C SER A 115 -42.26 -4.04 18.65
N HIS A 116 -43.27 -3.37 19.20
CA HIS A 116 -44.55 -3.26 18.51
C HIS A 116 -44.41 -2.53 17.17
N LEU A 117 -43.44 -1.64 17.06
CA LEU A 117 -43.26 -0.89 15.82
C LEU A 117 -42.89 -1.84 14.68
N PRO A 118 -43.54 -1.75 13.53
CA PRO A 118 -43.19 -2.65 12.42
C PRO A 118 -41.83 -2.31 11.83
N LEU A 119 -41.20 -3.33 11.24
CA LEU A 119 -39.93 -3.18 10.56
C LEU A 119 -40.03 -3.76 9.16
N GLY A 120 -39.29 -3.17 8.23
CA GLY A 120 -39.36 -3.57 6.85
C GLY A 120 -38.07 -3.29 6.09
N PRO A 121 -38.03 -3.68 4.82
CA PRO A 121 -36.83 -3.45 4.02
C PRO A 121 -36.53 -1.97 3.85
N CYS A 122 -35.24 -1.66 3.77
CA CYS A 122 -34.78 -0.28 3.60
C CYS A 122 -34.92 0.10 2.13
N GLN A 123 -35.94 0.90 1.83
CA GLN A 123 -36.21 1.37 0.47
C GLN A 123 -36.24 2.90 0.46
N ASP A 124 -36.45 3.47 -0.72
CA ASP A 124 -36.51 4.90 -0.97
C ASP A 124 -35.11 5.53 -1.01
N GLY A 125 -34.06 4.75 -0.81
CA GLY A 125 -32.71 5.28 -0.81
C GLY A 125 -32.14 5.43 0.58
N TRP A 126 -31.01 6.13 0.66
CA TRP A 126 -30.31 6.34 1.90
C TRP A 126 -29.92 7.81 2.04
N VAL A 127 -29.68 8.21 3.29
CA VAL A 127 -29.22 9.55 3.63
C VAL A 127 -27.92 9.42 4.39
N TYR A 128 -26.90 10.16 3.94
CA TYR A 128 -25.57 10.12 4.53
C TYR A 128 -25.26 11.45 5.19
N ASP A 129 -24.68 11.40 6.39
CA ASP A 129 -24.40 12.62 7.13
C ASP A 129 -23.28 13.42 6.48
N THR A 130 -22.23 12.75 6.02
CA THR A 130 -21.03 13.46 5.60
C THR A 130 -21.35 14.43 4.46
N PRO A 131 -20.87 15.68 4.52
CA PRO A 131 -21.10 16.59 3.40
C PRO A 131 -20.36 16.19 2.15
N GLY A 132 -19.23 15.48 2.29
CA GLY A 132 -18.46 15.06 1.13
C GLY A 132 -18.83 13.68 0.65
N SER A 133 -19.23 13.58 -0.61
CA SER A 133 -19.63 12.29 -1.18
C SER A 133 -18.41 11.38 -1.29
N SER A 134 -18.68 10.12 -1.61
CA SER A 134 -17.63 9.12 -1.77
C SER A 134 -18.21 7.92 -2.48
N ILE A 135 -17.39 6.88 -2.64
CA ILE A 135 -17.83 5.68 -3.34
C ILE A 135 -19.04 5.08 -2.64
N VAL A 136 -19.00 5.03 -1.31
CA VAL A 136 -20.10 4.43 -0.55
C VAL A 136 -21.39 5.19 -0.83
N THR A 137 -21.35 6.52 -0.77
CA THR A 137 -22.54 7.29 -1.07
C THR A 137 -22.91 7.22 -2.55
N GLU A 138 -21.91 7.17 -3.43
CA GLU A 138 -22.19 7.14 -4.86
C GLU A 138 -22.96 5.89 -5.26
N PHE A 139 -22.55 4.73 -4.74
CA PHE A 139 -23.08 3.46 -5.18
C PHE A 139 -23.91 2.73 -4.11
N ASN A 140 -24.26 3.41 -3.03
CA ASN A 140 -25.15 2.86 -2.02
C ASN A 140 -24.70 1.45 -1.62
N LEU A 141 -23.40 1.31 -1.34
CA LEU A 141 -22.83 0.04 -0.91
C LEU A 141 -22.74 0.02 0.61
N VAL A 142 -23.89 -0.09 1.23
CA VAL A 142 -24.04 0.09 2.68
C VAL A 142 -24.46 -1.20 3.37
N CYS A 143 -25.70 -1.65 3.15
CA CYS A 143 -26.28 -2.68 3.99
C CYS A 143 -26.12 -4.08 3.39
N ALA A 144 -26.71 -4.30 2.21
CA ALA A 144 -26.65 -5.60 1.57
C ALA A 144 -25.47 -5.73 0.62
N ASP A 145 -24.64 -4.70 0.50
CA ASP A 145 -23.52 -4.69 -0.41
C ASP A 145 -22.23 -4.28 0.30
N SER A 146 -22.14 -4.55 1.60
CA SER A 146 -20.92 -4.21 2.32
C SER A 146 -19.72 -4.93 1.72
N TRP A 147 -19.92 -6.18 1.29
CA TRP A 147 -18.83 -6.94 0.68
C TRP A 147 -18.27 -6.24 -0.55
N MET A 148 -19.06 -5.40 -1.21
CA MET A 148 -18.62 -4.77 -2.44
C MET A 148 -17.41 -3.87 -2.20
N LEU A 149 -17.46 -3.07 -1.14
CA LEU A 149 -16.37 -2.15 -0.85
C LEU A 149 -15.08 -2.90 -0.60
N ASP A 150 -15.14 -4.00 0.15
CA ASP A 150 -13.96 -4.83 0.34
C ASP A 150 -13.55 -5.51 -0.96
N LEU A 151 -14.51 -5.82 -1.82
CA LEU A 151 -14.19 -6.45 -3.10
C LEU A 151 -13.36 -5.52 -3.97
N VAL A 152 -13.59 -4.22 -3.88
CA VAL A 152 -12.78 -3.27 -4.64
C VAL A 152 -11.30 -3.42 -4.25
N GLN A 153 -11.03 -3.41 -2.94
CA GLN A 153 -9.66 -3.57 -2.47
C GLN A 153 -9.10 -4.93 -2.86
N ALA A 154 -9.93 -5.97 -2.79
CA ALA A 154 -9.48 -7.29 -3.21
C ALA A 154 -9.15 -7.31 -4.69
N ALA A 155 -9.88 -6.55 -5.50
CA ALA A 155 -9.58 -6.44 -6.92
C ALA A 155 -8.22 -5.78 -7.12
N VAL A 156 -7.93 -4.74 -6.36
CA VAL A 156 -6.61 -4.11 -6.47
C VAL A 156 -5.52 -5.11 -6.11
N ASN A 157 -5.72 -5.82 -4.99
CA ASN A 157 -4.74 -6.80 -4.56
C ASN A 157 -4.59 -7.94 -5.56
N VAL A 158 -5.63 -8.24 -6.33
CA VAL A 158 -5.52 -9.28 -7.36
C VAL A 158 -4.81 -8.75 -8.59
N GLY A 159 -5.05 -7.49 -8.96
CA GLY A 159 -4.35 -6.92 -10.08
C GLY A 159 -2.86 -6.84 -9.84
N PHE A 160 -2.47 -6.47 -8.62
CA PHE A 160 -1.04 -6.36 -8.32
C PHE A 160 -0.32 -7.65 -8.68
N PHE A 161 -0.98 -8.79 -8.46
CA PHE A 161 -0.32 -10.09 -8.61
C PHE A 161 0.04 -10.38 -10.06
N VAL A 162 -0.96 -10.41 -10.93
CA VAL A 162 -0.70 -10.70 -12.34
C VAL A 162 0.16 -9.61 -12.94
N GLY A 163 -0.07 -8.35 -12.55
CA GLY A 163 0.75 -7.28 -13.06
C GLY A 163 2.21 -7.47 -12.76
N SER A 164 2.54 -7.84 -11.52
CA SER A 164 3.93 -8.13 -11.19
C SER A 164 4.44 -9.31 -11.99
N MET A 165 3.66 -10.38 -12.04
CA MET A 165 4.16 -11.61 -12.67
C MET A 165 4.54 -11.38 -14.11
N SER A 166 3.79 -10.53 -14.82
CA SER A 166 4.12 -10.27 -16.22
C SER A 166 5.18 -9.16 -16.36
N ILE A 167 5.00 -8.08 -15.59
CA ILE A 167 5.83 -6.89 -15.78
C ILE A 167 7.28 -7.18 -15.41
N GLY A 168 7.50 -8.05 -14.42
CA GLY A 168 8.88 -8.37 -14.06
C GLY A 168 9.63 -9.03 -15.21
N TYR A 169 8.99 -10.01 -15.86
CA TYR A 169 9.60 -10.64 -17.01
C TYR A 169 9.83 -9.63 -18.13
N ILE A 170 8.83 -8.79 -18.40
CA ILE A 170 8.98 -7.84 -19.50
C ILE A 170 10.14 -6.89 -19.21
N ALA A 171 10.21 -6.38 -17.99
CA ALA A 171 11.26 -5.42 -17.63
C ALA A 171 12.63 -6.06 -17.73
N ASP A 172 12.78 -7.28 -17.20
CA ASP A 172 14.09 -7.90 -17.21
C ASP A 172 14.48 -8.44 -18.58
N ARG A 173 13.53 -8.58 -19.51
CA ARG A 173 13.90 -8.98 -20.86
C ARG A 173 14.09 -7.80 -21.82
N PHE A 174 13.53 -6.63 -21.51
CA PHE A 174 13.62 -5.50 -22.42
C PHE A 174 13.96 -4.21 -21.70
N GLY A 175 14.76 -4.29 -20.64
CA GLY A 175 15.24 -3.11 -19.97
C GLY A 175 14.23 -2.53 -19.00
N ARG A 176 14.72 -1.60 -18.17
CA ARG A 176 13.89 -1.01 -17.13
C ARG A 176 13.21 0.27 -17.61
N LYS A 177 13.91 1.08 -18.41
CA LYS A 177 13.40 2.40 -18.77
C LYS A 177 12.10 2.30 -19.54
N LEU A 178 12.09 1.47 -20.60
CA LEU A 178 10.90 1.37 -21.44
C LEU A 178 9.70 0.88 -20.64
N CYS A 179 9.91 -0.16 -19.83
CA CYS A 179 8.82 -0.69 -19.01
C CYS A 179 8.33 0.35 -18.01
N LEU A 180 9.25 1.09 -17.39
CA LEU A 180 8.86 2.10 -16.43
C LEU A 180 7.99 3.17 -17.11
N LEU A 181 8.40 3.61 -18.30
CA LEU A 181 7.62 4.62 -19.00
C LEU A 181 6.23 4.11 -19.35
N VAL A 182 6.15 2.88 -19.87
CA VAL A 182 4.84 2.34 -20.24
C VAL A 182 3.96 2.21 -19.00
N THR A 183 4.53 1.74 -17.89
CA THR A 183 3.76 1.60 -16.67
C THR A 183 3.25 2.96 -16.21
N ILE A 184 4.09 3.99 -16.27
CA ILE A 184 3.67 5.31 -15.84
C ILE A 184 2.49 5.78 -16.69
N LEU A 185 2.58 5.59 -18.00
CA LEU A 185 1.51 6.07 -18.87
C LEU A 185 0.20 5.33 -18.59
N ILE A 186 0.26 4.00 -18.52
CA ILE A 186 -0.96 3.23 -18.30
C ILE A 186 -1.57 3.55 -16.94
N ASN A 187 -0.73 3.66 -15.91
CA ASN A 187 -1.23 4.03 -14.59
C ASN A 187 -1.90 5.39 -14.62
N ALA A 188 -1.30 6.36 -15.30
CA ALA A 188 -1.89 7.69 -15.33
C ALA A 188 -3.24 7.68 -16.04
N ILE A 189 -3.31 7.02 -17.20
CA ILE A 189 -4.55 7.02 -17.96
C ILE A 189 -5.64 6.31 -17.18
N SER A 190 -5.32 5.16 -16.57
CA SER A 190 -6.33 4.44 -15.80
C SER A 190 -6.80 5.27 -14.61
N GLY A 191 -5.86 5.89 -13.90
CA GLY A 191 -6.25 6.70 -12.75
C GLY A 191 -7.16 7.84 -13.14
N VAL A 192 -6.81 8.56 -14.20
CA VAL A 192 -7.62 9.71 -14.60
C VAL A 192 -8.99 9.25 -15.10
N LEU A 193 -9.03 8.14 -15.84
CA LEU A 193 -10.31 7.66 -16.36
C LEU A 193 -11.18 7.05 -15.27
N MET A 194 -10.60 6.67 -14.13
CA MET A 194 -11.43 6.09 -13.07
C MET A 194 -12.49 7.09 -12.61
N ALA A 195 -12.13 8.36 -12.50
CA ALA A 195 -13.07 9.37 -12.03
C ALA A 195 -14.24 9.58 -12.98
N VAL A 196 -14.17 9.08 -14.20
CA VAL A 196 -15.23 9.25 -15.18
C VAL A 196 -16.00 7.94 -15.40
N ALA A 197 -15.84 6.98 -14.52
CA ALA A 197 -16.56 5.72 -14.65
C ALA A 197 -18.04 5.93 -14.31
N PRO A 198 -18.96 5.69 -15.23
CA PRO A 198 -20.37 5.98 -14.91
C PRO A 198 -20.99 4.96 -13.99
N ASN A 199 -20.76 3.67 -14.22
CA ASN A 199 -21.32 2.60 -13.43
C ASN A 199 -20.25 2.02 -12.50
N TYR A 200 -20.72 1.32 -11.47
CA TYR A 200 -19.79 0.73 -10.52
C TYR A 200 -18.89 -0.30 -11.19
N THR A 201 -19.45 -1.13 -12.07
CA THR A 201 -18.68 -2.20 -12.68
C THR A 201 -17.50 -1.65 -13.47
N TRP A 202 -17.76 -0.60 -14.27
CA TRP A 202 -16.68 0.00 -15.04
C TRP A 202 -15.61 0.59 -14.13
N MET A 203 -16.02 1.24 -13.04
CA MET A 203 -15.04 1.78 -12.11
C MET A 203 -14.19 0.67 -11.51
N LEU A 204 -14.81 -0.46 -11.16
CA LEU A 204 -14.05 -1.59 -10.64
C LEU A 204 -13.05 -2.09 -11.68
N ILE A 205 -13.47 -2.19 -12.93
CA ILE A 205 -12.57 -2.66 -13.97
C ILE A 205 -11.40 -1.71 -14.15
N PHE A 206 -11.67 -0.41 -14.15
CA PHE A 206 -10.59 0.57 -14.26
C PHE A 206 -9.64 0.49 -13.09
N ARG A 207 -10.17 0.24 -11.88
CA ARG A 207 -9.30 0.07 -10.72
C ARG A 207 -8.44 -1.16 -10.86
N LEU A 208 -8.99 -2.26 -11.37
CA LEU A 208 -8.19 -3.45 -11.61
C LEU A 208 -7.06 -3.17 -12.59
N ILE A 209 -7.39 -2.44 -13.66
CA ILE A 209 -6.37 -2.11 -14.66
C ILE A 209 -5.26 -1.28 -14.02
N GLN A 210 -5.62 -0.28 -13.22
CA GLN A 210 -4.60 0.55 -12.58
C GLN A 210 -3.74 -0.26 -11.63
N GLY A 211 -4.35 -1.18 -10.88
CA GLY A 211 -3.58 -2.03 -10.00
C GLY A 211 -2.61 -2.91 -10.77
N LEU A 212 -3.01 -3.38 -11.95
CA LEU A 212 -2.12 -4.25 -12.72
C LEU A 212 -0.76 -3.62 -12.97
N VAL A 213 -0.68 -2.29 -12.94
CA VAL A 213 0.54 -1.59 -13.33
C VAL A 213 1.22 -0.88 -12.17
N SER A 214 0.48 -0.47 -11.14
CA SER A 214 1.05 0.42 -10.13
C SER A 214 2.28 -0.18 -9.46
N LYS A 215 2.12 -1.33 -8.79
CA LYS A 215 3.21 -1.88 -8.00
C LYS A 215 4.40 -2.26 -8.88
N GLY A 216 4.13 -2.82 -10.06
CA GLY A 216 5.23 -3.14 -10.95
C GLY A 216 6.06 -1.92 -11.28
N GLY A 217 5.40 -0.82 -11.63
CA GLY A 217 6.14 0.41 -11.89
C GLY A 217 6.91 0.88 -10.68
N TRP A 218 6.30 0.77 -9.49
CA TRP A 218 6.98 1.23 -8.28
C TRP A 218 8.26 0.45 -8.04
N LEU A 219 8.20 -0.87 -8.12
CA LEU A 219 9.40 -1.67 -7.86
C LEU A 219 10.46 -1.44 -8.93
N ILE A 220 10.05 -1.31 -10.20
CA ILE A 220 11.03 -1.05 -11.25
C ILE A 220 11.71 0.29 -11.00
N GLY A 221 10.95 1.28 -10.52
CA GLY A 221 11.56 2.53 -10.15
C GLY A 221 12.47 2.44 -8.93
N TYR A 222 12.17 1.53 -8.01
CA TYR A 222 13.02 1.37 -6.83
C TYR A 222 14.36 0.76 -7.20
N THR A 223 14.36 -0.20 -8.12
CA THR A 223 15.61 -0.91 -8.41
C THR A 223 16.64 0.01 -9.05
N LEU A 224 16.20 0.95 -9.90
CA LEU A 224 17.15 1.71 -10.71
C LEU A 224 18.12 2.54 -9.88
N PRO A 225 17.67 3.37 -8.93
CA PRO A 225 18.65 4.19 -8.19
C PRO A 225 19.71 3.36 -7.48
N THR A 226 19.33 2.19 -6.95
CA THR A 226 20.33 1.34 -6.32
C THR A 226 21.42 0.96 -7.30
N GLU A 227 21.03 0.62 -8.53
CA GLU A 227 22.03 0.30 -9.55
C GLU A 227 22.89 1.51 -9.87
N PHE A 228 22.30 2.69 -9.95
CA PHE A 228 23.09 3.89 -10.27
C PHE A 228 24.14 4.16 -9.20
N VAL A 229 23.77 4.02 -7.93
CA VAL A 229 24.63 4.45 -6.83
C VAL A 229 25.73 3.44 -6.60
N GLY A 230 26.82 3.89 -5.98
CA GLY A 230 27.93 3.03 -5.62
C GLY A 230 27.66 2.23 -4.35
N LEU A 231 28.68 1.47 -3.94
CA LEU A 231 28.52 0.59 -2.79
C LEU A 231 28.26 1.37 -1.51
N GLU A 232 29.04 2.43 -1.27
CA GLU A 232 29.00 3.08 0.04
C GLU A 232 27.66 3.76 0.28
N TYR A 233 27.12 4.44 -0.72
CA TYR A 233 25.94 5.28 -0.54
C TYR A 233 24.63 4.54 -0.83
N ARG A 234 24.68 3.22 -0.98
CA ARG A 234 23.49 2.47 -1.36
C ARG A 234 22.38 2.63 -0.33
N ARG A 235 22.73 2.57 0.96
CA ARG A 235 21.73 2.62 2.01
C ARG A 235 20.94 3.92 1.95
N THR A 236 21.63 5.04 1.71
CA THR A 236 20.95 6.34 1.75
C THR A 236 19.84 6.40 0.71
N VAL A 237 20.14 6.07 -0.53
CA VAL A 237 19.13 6.11 -1.58
C VAL A 237 18.05 5.07 -1.31
N GLY A 238 18.45 3.86 -0.93
CA GLY A 238 17.48 2.80 -0.74
C GLY A 238 16.46 3.14 0.33
N ILE A 239 16.88 3.80 1.40
CA ILE A 239 15.97 4.13 2.49
C ILE A 239 15.24 5.44 2.23
N LEU A 240 15.90 6.42 1.59
CA LEU A 240 15.21 7.66 1.28
C LEU A 240 14.08 7.44 0.30
N TYR A 241 14.15 6.39 -0.53
CA TYR A 241 12.99 6.07 -1.36
C TYR A 241 11.76 5.75 -0.51
N GLN A 242 11.95 4.89 0.48
CA GLN A 242 10.90 4.49 1.36
C GLN A 242 10.41 5.73 2.04
N MET A 243 11.32 6.61 2.39
CA MET A 243 10.93 7.83 3.07
C MET A 243 10.02 8.65 2.20
N ALA A 244 10.24 8.72 0.89
CA ALA A 244 9.36 9.46 0.02
C ALA A 244 7.95 8.88 0.08
N PHE A 245 7.85 7.56 0.13
CA PHE A 245 6.56 6.92 0.21
C PHE A 245 5.91 7.42 1.47
N SER A 246 6.67 7.51 2.55
CA SER A 246 6.11 7.99 3.80
C SER A 246 5.66 9.41 3.63
N VAL A 247 6.53 10.28 3.12
CA VAL A 247 6.16 11.66 2.92
C VAL A 247 4.95 11.74 2.00
N GLY A 248 4.95 10.92 0.96
CA GLY A 248 3.85 10.90 0.02
C GLY A 248 2.57 10.52 0.70
N LEU A 249 2.66 9.58 1.63
CA LEU A 249 1.50 9.12 2.37
C LEU A 249 1.00 10.27 3.21
N LEU A 250 1.92 11.01 3.81
CA LEU A 250 1.56 12.13 4.63
C LEU A 250 0.89 13.19 3.82
N VAL A 251 1.36 13.49 2.63
CA VAL A 251 0.72 14.55 1.89
C VAL A 251 -0.66 14.16 1.51
N LEU A 252 -0.82 12.93 1.08
CA LEU A 252 -2.13 12.44 0.65
C LEU A 252 -3.17 12.63 1.74
N ALA A 253 -2.79 12.42 3.00
CA ALA A 253 -3.75 12.66 4.08
C ALA A 253 -4.29 14.08 4.02
N GLY A 254 -3.39 15.06 3.93
CA GLY A 254 -3.83 16.45 3.87
C GLY A 254 -4.67 16.72 2.64
N VAL A 255 -4.25 16.20 1.49
CA VAL A 255 -5.01 16.46 0.27
C VAL A 255 -6.40 15.87 0.38
N ALA A 256 -6.51 14.69 0.99
CA ALA A 256 -7.83 14.07 1.19
C ALA A 256 -8.69 14.95 2.09
N TYR A 257 -8.10 15.54 3.12
CA TYR A 257 -8.90 16.46 3.93
C TYR A 257 -9.26 17.73 3.17
N ALA A 258 -8.46 18.12 2.19
CA ALA A 258 -8.73 19.37 1.47
C ALA A 258 -9.99 19.24 0.62
N ILE A 259 -10.09 18.16 -0.15
CA ILE A 259 -11.22 17.97 -1.07
C ILE A 259 -11.83 16.59 -0.81
N PRO A 260 -13.06 16.51 -0.31
CA PRO A 260 -13.62 15.20 0.07
C PRO A 260 -14.24 14.45 -1.10
N HIS A 261 -14.78 15.17 -2.08
CA HIS A 261 -15.44 14.54 -3.21
C HIS A 261 -14.50 13.55 -3.87
N TRP A 262 -14.89 12.27 -3.87
CA TRP A 262 -13.95 11.23 -4.29
C TRP A 262 -13.56 11.38 -5.75
N ARG A 263 -14.50 11.77 -6.62
CA ARG A 263 -14.16 11.94 -8.02
C ARG A 263 -13.08 12.99 -8.21
N TRP A 264 -13.28 14.16 -7.58
CA TRP A 264 -12.26 15.21 -7.65
C TRP A 264 -10.95 14.75 -7.02
N LEU A 265 -11.05 14.05 -5.89
CA LEU A 265 -9.85 13.55 -5.22
C LEU A 265 -9.03 12.68 -6.16
N GLN A 266 -9.68 11.70 -6.78
CA GLN A 266 -8.96 10.81 -7.70
C GLN A 266 -8.40 11.59 -8.88
N LEU A 267 -9.20 12.49 -9.45
CA LEU A 267 -8.72 13.21 -10.63
C LEU A 267 -7.49 14.03 -10.31
N ALA A 268 -7.48 14.71 -9.16
CA ALA A 268 -6.33 15.53 -8.81
C ALA A 268 -5.13 14.70 -8.41
N VAL A 269 -5.36 13.63 -7.64
CA VAL A 269 -4.24 12.89 -7.05
C VAL A 269 -3.37 12.26 -8.12
N THR A 270 -3.94 11.97 -9.29
CA THR A 270 -3.17 11.37 -10.38
C THR A 270 -2.55 12.40 -11.31
N LEU A 271 -2.83 13.69 -11.10
CA LEU A 271 -2.19 14.71 -11.94
C LEU A 271 -0.67 14.63 -11.90
N PRO A 272 -0.02 14.47 -10.75
CA PRO A 272 1.44 14.28 -10.77
C PRO A 272 1.88 13.09 -11.59
N ASN A 273 1.06 12.04 -11.64
CA ASN A 273 1.40 10.90 -12.48
C ASN A 273 1.51 11.31 -13.94
N PHE A 274 0.55 12.12 -14.42
CA PHE A 274 0.64 12.62 -15.79
C PHE A 274 1.82 13.57 -15.95
N PHE A 275 2.07 14.41 -14.95
CA PHE A 275 3.17 15.37 -15.05
C PHE A 275 4.51 14.65 -15.18
N PHE A 276 4.68 13.53 -14.48
CA PHE A 276 5.92 12.78 -14.60
C PHE A 276 6.17 12.36 -16.04
N LEU A 277 5.15 11.79 -16.69
CA LEU A 277 5.33 11.19 -18.00
C LEU A 277 6.06 12.13 -18.95
N LEU A 278 5.73 13.43 -18.90
CA LEU A 278 6.30 14.38 -19.85
C LEU A 278 7.80 14.56 -19.64
N TYR A 279 8.25 14.66 -18.39
CA TYR A 279 9.61 15.09 -18.09
C TYR A 279 10.51 13.98 -17.55
N TYR A 280 9.98 12.78 -17.34
CA TYR A 280 10.79 11.67 -16.84
C TYR A 280 11.54 10.96 -17.94
N TRP A 281 11.44 11.42 -19.19
CA TRP A 281 12.18 10.85 -20.30
C TRP A 281 13.58 11.46 -20.42
N CYS A 282 14.09 12.07 -19.35
CA CYS A 282 15.44 12.61 -19.30
C CYS A 282 16.35 11.80 -18.39
N ILE A 283 15.93 10.62 -17.98
CA ILE A 283 16.72 9.73 -17.13
C ILE A 283 17.21 8.58 -17.98
N PRO A 284 18.49 8.17 -17.88
CA PRO A 284 19.01 7.13 -18.75
C PRO A 284 18.78 5.73 -18.20
N GLU A 285 18.92 4.76 -19.09
CA GLU A 285 18.82 3.35 -18.71
C GLU A 285 20.05 2.95 -17.89
N SER A 286 19.84 2.04 -16.95
CA SER A 286 20.91 1.62 -16.05
C SER A 286 22.01 0.93 -16.85
N PRO A 287 23.26 1.40 -16.79
CA PRO A 287 24.32 0.72 -17.55
C PRO A 287 24.64 -0.67 -17.05
N ARG A 288 24.30 -1.02 -15.81
CA ARG A 288 24.57 -2.36 -15.32
C ARG A 288 23.88 -3.41 -16.17
N TRP A 289 22.61 -3.18 -16.49
CA TRP A 289 21.88 -4.14 -17.33
C TRP A 289 22.51 -4.25 -18.71
N LEU A 290 22.89 -3.11 -19.31
CA LEU A 290 23.49 -3.14 -20.63
C LEU A 290 24.79 -3.94 -20.62
N ILE A 291 25.65 -3.69 -19.64
CA ILE A 291 26.92 -4.41 -19.57
C ILE A 291 26.66 -5.89 -19.34
N SER A 292 25.75 -6.22 -18.43
CA SER A 292 25.44 -7.62 -18.17
C SER A 292 24.80 -8.29 -19.39
N GLN A 293 24.05 -7.54 -20.19
CA GLN A 293 23.37 -8.09 -21.34
C GLN A 293 24.22 -8.07 -22.60
N ASN A 294 25.49 -7.64 -22.49
CA ASN A 294 26.41 -7.63 -23.62
C ASN A 294 26.01 -6.56 -24.64
N LYS A 295 25.68 -5.37 -24.14
CA LYS A 295 25.36 -4.22 -24.97
C LYS A 295 26.23 -3.03 -24.59
N ASN A 296 27.53 -3.27 -24.45
CA ASN A 296 28.44 -2.24 -23.96
C ASN A 296 28.44 -1.00 -24.83
N ALA A 297 28.07 -1.13 -26.11
CA ALA A 297 28.10 0.02 -27.01
C ALA A 297 27.29 1.18 -26.45
N LYS A 298 26.03 0.93 -26.09
CA LYS A 298 25.19 1.97 -25.51
C LYS A 298 25.69 2.35 -24.12
N ALA A 299 26.24 1.39 -23.39
CA ALA A 299 26.73 1.66 -22.04
C ALA A 299 27.82 2.71 -22.05
N MET A 300 28.72 2.66 -23.04
CA MET A 300 29.79 3.65 -23.11
C MET A 300 29.22 5.05 -23.29
N LYS A 301 28.23 5.21 -24.18
CA LYS A 301 27.62 6.51 -24.37
C LYS A 301 26.92 6.98 -23.10
N ILE A 302 26.23 6.07 -22.41
CA ILE A 302 25.58 6.43 -21.15
C ILE A 302 26.61 6.89 -20.14
N ILE A 303 27.73 6.18 -20.05
CA ILE A 303 28.78 6.53 -19.10
C ILE A 303 29.36 7.89 -19.43
N LYS A 304 29.57 8.18 -20.72
CA LYS A 304 30.06 9.49 -21.12
C LYS A 304 29.08 10.59 -20.72
N HIS A 305 27.79 10.34 -20.94
CA HIS A 305 26.78 11.34 -20.57
C HIS A 305 26.80 11.59 -19.08
N ILE A 306 26.90 10.53 -18.27
CA ILE A 306 26.99 10.70 -16.82
C ILE A 306 28.25 11.45 -16.45
N ALA A 307 29.38 11.10 -17.08
CA ALA A 307 30.66 11.69 -16.72
C ALA A 307 30.66 13.19 -16.97
N LYS A 308 30.14 13.62 -18.12
CA LYS A 308 30.21 15.05 -18.44
C LYS A 308 29.44 15.86 -17.40
N LYS A 309 28.24 15.39 -17.01
CA LYS A 309 27.47 16.12 -16.01
C LYS A 309 28.12 16.06 -14.64
N ASN A 310 28.73 14.93 -14.29
CA ASN A 310 29.27 14.77 -12.94
C ASN A 310 30.33 15.83 -12.65
N GLY A 311 31.19 16.12 -13.61
CA GLY A 311 32.27 17.08 -13.44
C GLY A 311 33.65 16.48 -13.34
N LYS A 312 33.79 15.17 -13.51
CA LYS A 312 35.08 14.50 -13.57
C LYS A 312 35.38 14.07 -15.00
N LYS A 313 36.65 13.86 -15.28
CA LYS A 313 37.11 13.46 -16.61
C LYS A 313 37.34 11.95 -16.62
N LEU A 314 36.62 11.25 -17.50
CA LEU A 314 36.80 9.81 -17.61
C LEU A 314 38.20 9.50 -18.12
N PRO A 315 38.87 8.49 -17.56
CA PRO A 315 40.17 8.10 -18.10
C PRO A 315 40.05 7.49 -19.48
N LYS A 316 41.16 7.54 -20.22
CA LYS A 316 41.16 7.04 -21.60
C LYS A 316 40.81 5.56 -21.63
N SER A 317 41.36 4.77 -20.72
CA SER A 317 41.10 3.34 -20.69
C SER A 317 39.64 3.07 -20.32
N GLU A 329 28.30 -15.44 -22.56
CA GLU A 329 28.22 -14.37 -23.56
C GLU A 329 26.78 -13.90 -23.74
N LYS A 330 25.83 -14.81 -23.54
CA LYS A 330 24.41 -14.52 -23.68
C LYS A 330 23.70 -14.89 -22.39
N LEU A 331 22.99 -13.93 -21.81
CA LEU A 331 22.21 -14.13 -20.60
C LEU A 331 20.77 -13.72 -20.86
N ASN A 332 19.83 -14.59 -20.52
CA ASN A 332 18.41 -14.32 -20.71
C ASN A 332 17.64 -14.71 -19.45
N PRO A 333 16.52 -14.05 -19.17
CA PRO A 333 15.72 -14.43 -18.01
C PRO A 333 15.06 -15.79 -18.22
N SER A 334 14.82 -16.47 -17.11
CA SER A 334 14.16 -17.78 -17.14
C SER A 334 13.56 -18.05 -15.77
N PHE A 335 12.24 -18.26 -15.74
CA PHE A 335 11.57 -18.51 -14.46
C PHE A 335 12.15 -19.74 -13.77
N LEU A 336 12.36 -20.82 -14.52
CA LEU A 336 12.90 -22.03 -13.92
C LEU A 336 14.29 -21.79 -13.35
N ASP A 337 15.11 -21.02 -14.07
CA ASP A 337 16.44 -20.71 -13.56
C ASP A 337 16.37 -20.09 -12.17
N LEU A 338 15.29 -19.35 -11.88
CA LEU A 338 15.17 -18.69 -10.60
C LEU A 338 15.31 -19.69 -9.45
N VAL A 339 14.92 -20.95 -9.67
CA VAL A 339 15.02 -21.99 -8.66
C VAL A 339 16.01 -23.08 -9.03
N ARG A 340 16.74 -22.94 -10.15
CA ARG A 340 17.67 -23.98 -10.54
C ARG A 340 18.75 -24.17 -9.47
N THR A 341 19.33 -23.08 -8.99
CA THR A 341 20.39 -23.17 -7.99
C THR A 341 19.77 -23.43 -6.61
N PRO A 342 20.22 -24.46 -5.89
CA PRO A 342 19.61 -24.73 -4.56
C PRO A 342 19.73 -23.55 -3.60
N GLN A 343 20.87 -22.86 -3.58
CA GLN A 343 21.02 -21.73 -2.68
C GLN A 343 20.08 -20.59 -3.07
N ILE A 344 19.97 -20.31 -4.36
CA ILE A 344 18.99 -19.34 -4.82
C ILE A 344 17.58 -19.78 -4.44
N ARG A 345 17.31 -21.08 -4.52
CA ARG A 345 16.02 -21.60 -4.09
C ARG A 345 15.75 -21.24 -2.64
N LYS A 346 16.73 -21.48 -1.77
CA LYS A 346 16.56 -21.18 -0.35
C LYS A 346 16.34 -19.69 -0.14
N HIS A 347 17.14 -18.84 -0.79
CA HIS A 347 16.98 -17.41 -0.64
C HIS A 347 15.59 -16.96 -1.08
N THR A 348 15.15 -17.45 -2.23
CA THR A 348 13.85 -17.06 -2.76
C THR A 348 12.72 -17.51 -1.84
N LEU A 349 12.79 -18.74 -1.34
CA LEU A 349 11.74 -19.21 -0.44
C LEU A 349 11.67 -18.34 0.81
N ILE A 350 12.81 -18.06 1.42
CA ILE A 350 12.80 -17.26 2.64
C ILE A 350 12.23 -15.88 2.36
N LEU A 351 12.64 -15.26 1.25
CA LEU A 351 12.17 -13.92 0.95
C LEU A 351 10.68 -13.90 0.63
N MET A 352 10.18 -14.91 -0.08
CA MET A 352 8.75 -14.98 -0.35
C MET A 352 7.96 -15.08 0.95
N TYR A 353 8.43 -15.94 1.87
CA TYR A 353 7.74 -16.04 3.15
C TYR A 353 7.78 -14.71 3.90
N ASN A 354 8.90 -13.99 3.80
CA ASN A 354 8.97 -12.69 4.46
C ASN A 354 7.98 -11.71 3.86
N TRP A 355 7.84 -11.70 2.53
CA TRP A 355 6.83 -10.85 1.90
C TRP A 355 5.45 -11.18 2.42
N PHE A 356 5.12 -12.47 2.47
CA PHE A 356 3.78 -12.88 2.89
C PHE A 356 3.52 -12.47 4.34
N THR A 357 4.49 -12.66 5.22
CA THR A 357 4.31 -12.30 6.62
C THR A 357 4.42 -10.79 6.86
N SER A 358 4.88 -10.04 5.87
CA SER A 358 4.89 -8.58 6.01
C SER A 358 3.55 -7.99 5.62
N SER A 359 3.01 -8.42 4.48
CA SER A 359 1.77 -7.81 3.99
C SER A 359 0.63 -8.00 4.97
N VAL A 360 0.47 -9.23 5.48
CA VAL A 360 -0.63 -9.51 6.39
C VAL A 360 -0.57 -8.60 7.59
N LEU A 361 0.60 -8.52 8.24
CA LEU A 361 0.73 -7.68 9.42
C LEU A 361 0.43 -6.24 9.07
N TYR A 362 1.06 -5.73 8.03
CA TYR A 362 0.88 -4.35 7.66
C TYR A 362 -0.56 -3.96 7.43
N GLN A 363 -1.23 -4.61 6.52
CA GLN A 363 -2.61 -4.25 6.18
C GLN A 363 -3.55 -4.51 7.37
N GLY A 364 -3.44 -5.68 7.99
CA GLY A 364 -4.36 -6.03 9.04
C GLY A 364 -4.26 -5.08 10.23
N LEU A 365 -3.03 -4.79 10.66
CA LEU A 365 -2.86 -3.90 11.80
C LEU A 365 -3.34 -2.49 11.49
N ILE A 366 -3.01 -1.96 10.30
CA ILE A 366 -3.42 -0.59 10.01
C ILE A 366 -4.94 -0.50 9.97
N MET A 367 -5.61 -1.50 9.39
CA MET A 367 -7.07 -1.43 9.29
C MET A 367 -7.74 -1.71 10.62
N HIS A 368 -7.13 -2.54 11.47
CA HIS A 368 -7.75 -2.98 12.73
C HIS A 368 -6.95 -2.57 13.95
N MET A 369 -5.63 -2.81 13.94
CA MET A 369 -4.84 -2.61 15.15
C MET A 369 -4.86 -1.15 15.60
N GLY A 370 -4.80 -0.22 14.66
CA GLY A 370 -4.78 1.20 15.00
C GLY A 370 -5.86 1.58 15.98
N ILE A 371 -5.56 2.57 16.83
CA ILE A 371 -6.51 2.99 17.85
C ILE A 371 -7.84 3.35 17.19
N ALA A 372 -8.93 2.80 17.74
CA ALA A 372 -10.26 3.07 17.21
C ALA A 372 -10.72 4.47 17.60
N GLY A 373 -11.65 5.00 16.81
CA GLY A 373 -12.18 6.32 17.06
C GLY A 373 -11.40 7.41 16.35
N GLY A 374 -11.86 8.65 16.58
CA GLY A 374 -11.23 9.80 15.98
C GLY A 374 -11.67 10.01 14.54
N ASN A 375 -11.15 11.07 13.95
CA ASN A 375 -11.51 11.42 12.57
C ASN A 375 -10.88 10.42 11.61
N ILE A 376 -11.41 10.42 10.39
CA ILE A 376 -10.85 9.58 9.33
C ILE A 376 -9.44 10.04 8.99
N TYR A 377 -9.19 11.36 9.03
CA TYR A 377 -7.92 11.90 8.58
C TYR A 377 -6.86 11.87 9.66
N LEU A 378 -7.20 12.27 10.89
CA LEU A 378 -6.19 12.42 11.93
C LEU A 378 -5.53 11.10 12.28
N ASP A 379 -6.33 10.03 12.41
CA ASP A 379 -5.76 8.73 12.75
C ASP A 379 -4.80 8.25 11.66
N PHE A 380 -5.20 8.42 10.39
CA PHE A 380 -4.31 8.06 9.29
C PHE A 380 -3.05 8.90 9.32
N PHE A 381 -3.17 10.18 9.67
CA PHE A 381 -2.02 11.05 9.77
C PHE A 381 -1.02 10.51 10.80
N TYR A 382 -1.53 10.14 11.97
CA TYR A 382 -0.64 9.58 13.00
C TYR A 382 -0.02 8.26 12.54
N SER A 383 -0.76 7.49 11.76
CA SER A 383 -0.21 6.26 11.27
C SER A 383 0.97 6.57 10.37
N ALA A 384 0.82 7.56 9.50
CA ALA A 384 1.91 7.93 8.61
C ALA A 384 3.11 8.44 9.38
N LEU A 385 2.83 9.22 10.43
CA LEU A 385 3.87 9.83 11.26
C LEU A 385 4.74 8.85 11.98
N VAL A 386 4.19 7.70 12.34
CA VAL A 386 4.95 6.68 13.05
C VAL A 386 6.13 6.18 12.22
N GLU A 387 5.97 6.06 10.92
CA GLU A 387 7.01 5.57 10.05
C GLU A 387 8.30 6.40 10.04
N PHE A 388 8.25 7.72 10.19
CA PHE A 388 9.49 8.50 10.11
C PHE A 388 10.55 8.12 11.12
N PRO A 389 10.19 7.79 12.36
CA PRO A 389 11.25 7.31 13.22
C PRO A 389 11.89 6.03 12.71
N ALA A 390 11.11 5.12 12.14
CA ALA A 390 11.65 3.88 11.65
C ALA A 390 12.74 4.11 10.62
N ALA A 391 12.56 5.05 9.71
CA ALA A 391 13.59 5.30 8.73
C ALA A 391 14.86 5.75 9.44
N PHE A 392 14.74 6.62 10.42
CA PHE A 392 15.93 7.12 11.11
C PHE A 392 16.69 5.99 11.79
N ILE A 393 15.97 5.13 12.50
CA ILE A 393 16.62 4.04 13.23
C ILE A 393 17.31 3.09 12.27
N ILE A 394 16.65 2.75 11.16
CA ILE A 394 17.25 1.85 10.20
C ILE A 394 18.50 2.46 9.58
N ILE A 395 18.44 3.76 9.23
CA ILE A 395 19.60 4.42 8.64
C ILE A 395 20.76 4.43 9.61
N LEU A 396 20.47 4.59 10.90
CA LEU A 396 21.55 4.71 11.88
C LEU A 396 22.35 3.42 11.96
N THR A 397 21.69 2.26 11.91
CA THR A 397 22.33 1.00 12.27
C THR A 397 22.60 0.06 11.10
N ILE A 398 22.06 0.32 9.91
CA ILE A 398 22.23 -0.65 8.81
C ILE A 398 23.71 -0.88 8.54
N ASP A 399 24.48 0.18 8.36
CA ASP A 399 25.88 0.02 8.02
C ASP A 399 26.70 -0.39 9.24
N ARG A 400 26.38 0.18 10.41
CA ARG A 400 27.20 -0.05 11.59
C ARG A 400 27.13 -1.51 12.03
N ILE A 401 25.95 -2.13 12.01
CA ILE A 401 25.81 -3.48 12.56
C ILE A 401 25.22 -4.44 11.52
N GLY A 402 25.25 -4.08 10.25
CA GLY A 402 24.80 -4.97 9.21
C GLY A 402 23.29 -4.92 9.00
N ARG A 403 22.86 -5.45 7.86
CA ARG A 403 21.45 -5.44 7.51
C ARG A 403 20.66 -6.57 8.17
N ARG A 404 21.31 -7.70 8.40
CA ARG A 404 20.59 -8.91 8.83
C ARG A 404 20.02 -8.75 10.24
N TYR A 405 20.88 -8.52 11.23
CA TYR A 405 20.45 -8.55 12.61
C TYR A 405 19.40 -7.50 12.93
N PRO A 406 19.54 -6.23 12.54
CA PRO A 406 18.47 -5.27 12.83
C PRO A 406 17.14 -5.65 12.22
N TRP A 407 17.15 -6.21 11.01
CA TRP A 407 15.90 -6.64 10.39
C TRP A 407 15.26 -7.77 11.20
N ALA A 408 16.07 -8.75 11.61
CA ALA A 408 15.52 -9.84 12.40
C ALA A 408 14.95 -9.32 13.71
N ALA A 409 15.67 -8.40 14.36
CA ALA A 409 15.20 -7.84 15.62
C ALA A 409 13.92 -7.05 15.42
N ALA A 410 13.81 -6.30 14.32
CA ALA A 410 12.59 -5.55 14.06
C ALA A 410 11.40 -6.49 13.88
N ASN A 411 11.59 -7.58 13.15
CA ASN A 411 10.50 -8.53 12.98
C ASN A 411 10.11 -9.14 14.33
N MET A 412 11.11 -9.50 15.13
CA MET A 412 10.82 -10.07 16.45
C MET A 412 10.04 -9.08 17.30
N VAL A 413 10.45 -7.81 17.30
CA VAL A 413 9.77 -6.78 18.09
C VAL A 413 8.34 -6.61 17.61
N ALA A 414 8.13 -6.61 16.30
CA ALA A 414 6.77 -6.52 15.76
C ALA A 414 5.90 -7.65 16.30
N GLY A 415 6.41 -8.88 16.21
CA GLY A 415 5.64 -10.02 16.69
C GLY A 415 5.35 -9.93 18.18
N ALA A 416 6.35 -9.54 18.96
CA ALA A 416 6.16 -9.45 20.41
C ALA A 416 5.14 -8.38 20.77
N ALA A 417 5.23 -7.21 20.13
CA ALA A 417 4.27 -6.15 20.39
C ALA A 417 2.85 -6.60 20.04
N CYS A 418 2.69 -7.25 18.89
CA CYS A 418 1.37 -7.73 18.50
C CYS A 418 0.84 -8.73 19.52
N LEU A 419 1.69 -9.66 19.98
CA LEU A 419 1.22 -10.65 20.93
C LEU A 419 0.82 -10.02 22.25
N ILE A 420 1.63 -9.09 22.76
CA ILE A 420 1.29 -8.47 24.04
C ILE A 420 0.03 -7.64 23.90
N THR A 421 -0.25 -7.13 22.70
CA THR A 421 -1.54 -6.47 22.48
C THR A 421 -2.68 -7.47 22.36
N ALA A 422 -2.40 -8.70 21.97
CA ALA A 422 -3.45 -9.70 21.84
C ALA A 422 -4.05 -10.06 23.19
N PHE A 423 -3.21 -10.23 24.20
CA PHE A 423 -3.66 -10.70 25.51
C PHE A 423 -3.77 -9.54 26.49
N LEU A 428 -8.30 0.59 29.90
CA LEU A 428 -8.86 1.57 28.97
C LEU A 428 -8.01 1.67 27.71
N PHE A 429 -7.19 0.65 27.45
CA PHE A 429 -6.33 0.59 26.28
C PHE A 429 -5.33 1.73 26.23
N TRP A 430 -5.02 2.35 27.37
CA TRP A 430 -4.00 3.40 27.39
C TRP A 430 -2.65 2.84 27.02
N LEU A 431 -2.31 1.64 27.52
CA LEU A 431 -1.08 0.99 27.12
C LEU A 431 -1.19 0.48 25.68
N LYS A 432 -2.40 0.11 25.27
CA LYS A 432 -2.61 -0.46 23.94
C LYS A 432 -2.17 0.51 22.85
N THR A 433 -2.47 1.79 23.01
CA THR A 433 -2.10 2.77 21.99
C THR A 433 -0.58 2.80 21.81
N THR A 434 0.16 2.90 22.91
CA THR A 434 1.61 2.97 22.82
C THR A 434 2.16 1.68 22.22
N VAL A 435 1.65 0.53 22.65
CA VAL A 435 2.12 -0.73 22.10
C VAL A 435 1.82 -0.81 20.61
N ALA A 436 0.65 -0.33 20.19
CA ALA A 436 0.29 -0.33 18.79
C ALA A 436 1.26 0.54 17.98
N CYS A 437 1.59 1.72 18.50
CA CYS A 437 2.53 2.57 17.79
C CYS A 437 3.89 1.90 17.66
N LEU A 438 4.37 1.29 18.74
CA LEU A 438 5.66 0.62 18.69
C LEU A 438 5.63 -0.53 17.70
N GLY A 439 4.55 -1.30 17.70
CA GLY A 439 4.44 -2.41 16.77
C GLY A 439 4.39 -1.95 15.33
N ARG A 440 3.65 -0.84 15.17
CA ARG A 440 3.46 -0.16 13.90
C ARG A 440 4.82 0.31 13.44
N MET A 441 5.67 0.66 14.38
CA MET A 441 6.98 1.07 13.98
C MET A 441 7.72 -0.14 13.46
N GLY A 442 7.77 -1.23 14.26
CA GLY A 442 8.50 -2.46 14.00
C GLY A 442 8.14 -3.06 12.65
N ILE A 443 6.85 -3.11 12.33
CA ILE A 443 6.41 -3.69 11.07
C ILE A 443 6.94 -2.89 9.90
N THR A 444 7.19 -1.58 10.01
CA THR A 444 7.56 -0.82 8.86
C THR A 444 8.99 -1.02 8.73
N MET A 445 9.65 -1.12 9.86
CA MET A 445 11.07 -1.42 9.76
C MET A 445 11.30 -2.74 9.04
N ALA A 446 10.53 -3.77 9.39
CA ALA A 446 10.70 -5.07 8.75
C ALA A 446 10.40 -4.99 7.26
N PHE A 447 9.34 -4.29 6.89
CA PHE A 447 8.98 -4.17 5.47
C PHE A 447 10.10 -3.46 4.70
N GLU A 448 10.60 -2.36 5.22
CA GLU A 448 11.66 -1.67 4.52
C GLU A 448 12.88 -2.57 4.40
N MET A 449 13.28 -3.23 5.47
CA MET A 449 14.44 -4.10 5.39
C MET A 449 14.26 -5.18 4.34
N VAL A 450 13.07 -5.78 4.27
CA VAL A 450 12.81 -6.79 3.25
C VAL A 450 13.04 -6.18 1.87
N CYS A 451 12.43 -5.02 1.63
CA CYS A 451 12.52 -4.40 0.31
C CYS A 451 13.95 -4.05 -0.04
N PHE A 452 14.74 -3.64 0.96
CA PHE A 452 16.12 -3.26 0.70
C PHE A 452 16.99 -4.48 0.41
N VAL A 453 16.85 -5.54 1.20
CA VAL A 453 17.74 -6.69 1.05
C VAL A 453 17.43 -7.46 -0.22
N ASN A 454 16.14 -7.55 -0.59
CA ASN A 454 15.79 -8.43 -1.71
C ASN A 454 16.46 -7.99 -2.99
N THR A 455 16.51 -6.69 -3.26
CA THR A 455 17.17 -6.20 -4.46
C THR A 455 18.65 -6.56 -4.45
N GLU A 456 19.32 -6.29 -3.33
CA GLU A 456 20.76 -6.51 -3.26
C GLU A 456 21.14 -7.99 -3.23
N LEU A 457 20.18 -8.90 -3.04
CA LEU A 457 20.54 -10.30 -2.95
C LEU A 457 20.67 -10.98 -4.32
N TYR A 458 19.70 -10.77 -5.21
CA TYR A 458 19.67 -11.50 -6.47
C TYR A 458 20.73 -10.99 -7.44
N PRO A 459 21.10 -11.80 -8.44
CA PRO A 459 21.99 -11.32 -9.50
C PRO A 459 21.30 -10.24 -10.33
N THR A 460 22.13 -9.45 -11.02
CA THR A 460 21.59 -8.31 -11.77
C THR A 460 20.68 -8.74 -12.90
N PHE A 461 21.12 -9.70 -13.71
CA PHE A 461 20.41 -9.98 -14.96
C PHE A 461 19.05 -10.62 -14.75
N ILE A 462 18.71 -10.96 -13.50
CA ILE A 462 17.37 -11.46 -13.20
C ILE A 462 16.78 -10.68 -12.03
N ARG A 463 17.51 -9.68 -11.52
CA ARG A 463 17.09 -9.02 -10.29
C ARG A 463 15.66 -8.51 -10.41
N ASN A 464 15.36 -7.77 -11.47
CA ASN A 464 14.02 -7.24 -11.62
C ASN A 464 12.99 -8.36 -11.68
N LEU A 465 13.31 -9.44 -12.38
CA LEU A 465 12.44 -10.61 -12.40
C LEU A 465 12.48 -11.33 -11.06
N GLY A 466 13.63 -11.32 -10.39
CA GLY A 466 13.75 -12.04 -9.15
C GLY A 466 12.90 -11.46 -8.05
N VAL A 467 12.89 -10.13 -7.92
CA VAL A 467 12.17 -9.50 -6.82
C VAL A 467 10.67 -9.44 -7.11
N LEU A 468 10.28 -8.99 -8.30
CA LEU A 468 8.87 -8.81 -8.58
C LEU A 468 8.10 -10.12 -8.43
N VAL A 469 8.64 -11.20 -8.99
CA VAL A 469 8.00 -12.49 -8.81
C VAL A 469 7.95 -12.85 -7.33
N CYS A 470 9.07 -12.63 -6.62
CA CYS A 470 9.08 -12.88 -5.18
C CYS A 470 8.12 -11.97 -4.45
N SER A 471 7.75 -10.83 -5.04
CA SER A 471 6.76 -9.95 -4.46
C SER A 471 5.33 -10.37 -4.77
N SER A 472 5.14 -11.27 -5.74
CA SER A 472 3.79 -11.66 -6.11
C SER A 472 3.06 -12.26 -4.92
N LEU A 473 3.75 -13.07 -4.11
CA LEU A 473 3.11 -13.68 -2.95
C LEU A 473 2.55 -12.63 -2.01
N CYS A 474 3.10 -11.41 -2.02
CA CYS A 474 2.54 -10.35 -1.21
C CYS A 474 1.05 -10.20 -1.46
N ASP A 475 0.64 -10.22 -2.73
CA ASP A 475 -0.76 -10.06 -3.07
C ASP A 475 -1.63 -11.08 -2.33
N ILE A 476 -1.17 -12.33 -2.27
CA ILE A 476 -2.02 -13.34 -1.64
C ILE A 476 -2.33 -12.93 -0.21
N GLY A 477 -1.33 -12.42 0.50
CA GLY A 477 -1.59 -11.97 1.86
C GLY A 477 -2.68 -10.93 1.91
N GLY A 478 -2.63 -9.96 0.99
CA GLY A 478 -3.65 -8.93 0.96
C GLY A 478 -5.04 -9.51 0.76
N ILE A 479 -5.15 -10.57 -0.04
CA ILE A 479 -6.44 -11.22 -0.20
C ILE A 479 -6.84 -11.97 1.06
N ILE A 480 -5.86 -12.62 1.71
CA ILE A 480 -6.20 -13.47 2.85
C ILE A 480 -6.64 -12.63 4.05
N THR A 481 -5.98 -11.51 4.29
CA THR A 481 -6.24 -10.73 5.50
C THR A 481 -7.71 -10.35 5.69
N PRO A 482 -8.40 -9.74 4.72
CA PRO A 482 -9.80 -9.40 4.95
C PRO A 482 -10.67 -10.61 5.24
N PHE A 483 -10.34 -11.77 4.68
CA PHE A 483 -11.10 -12.99 4.97
C PHE A 483 -10.63 -13.63 6.26
N LEU A 484 -9.35 -13.96 6.34
CA LEU A 484 -8.84 -14.75 7.46
C LEU A 484 -9.27 -14.15 8.79
N VAL A 485 -9.03 -12.85 8.96
CA VAL A 485 -9.33 -12.21 10.24
C VAL A 485 -10.75 -12.58 10.67
N TYR A 486 -11.73 -12.38 9.78
CA TYR A 486 -13.10 -12.64 10.15
C TYR A 486 -13.26 -14.06 10.67
N ARG A 487 -12.80 -15.05 9.91
CA ARG A 487 -12.97 -16.43 10.32
C ARG A 487 -12.30 -16.67 11.66
N LEU A 488 -11.13 -16.06 11.87
CA LEU A 488 -10.49 -16.18 13.18
C LEU A 488 -11.22 -15.35 14.23
N ALA A 489 -11.68 -14.16 13.86
CA ALA A 489 -12.28 -13.27 14.86
C ALA A 489 -13.50 -13.92 15.50
N SER A 490 -14.33 -14.58 14.70
CA SER A 490 -15.47 -15.29 15.25
C SER A 490 -15.01 -16.44 16.15
N ILE A 491 -13.97 -17.16 15.73
CA ILE A 491 -13.52 -18.32 16.50
C ILE A 491 -13.09 -17.91 17.89
N TRP A 492 -12.28 -16.85 17.97
CA TRP A 492 -11.89 -16.26 19.25
C TRP A 492 -11.61 -14.79 19.02
N LEU A 493 -11.95 -13.97 20.02
CA LEU A 493 -11.94 -12.52 19.83
C LEU A 493 -10.57 -12.03 19.35
N GLU A 494 -9.50 -12.46 20.03
CA GLU A 494 -8.16 -11.95 19.78
C GLU A 494 -7.29 -12.92 18.99
N LEU A 495 -7.89 -13.93 18.36
CA LEU A 495 -7.10 -14.91 17.63
C LEU A 495 -6.27 -14.29 16.51
N PRO A 496 -6.80 -13.36 15.72
CA PRO A 496 -5.96 -12.79 14.63
C PRO A 496 -4.66 -12.22 15.12
N LEU A 497 -4.65 -11.54 16.26
CA LEU A 497 -3.40 -10.97 16.77
C LEU A 497 -2.42 -12.06 17.18
N VAL A 498 -2.92 -13.14 17.79
CA VAL A 498 -2.04 -14.26 18.16
C VAL A 498 -1.41 -14.86 16.91
N VAL A 499 -2.21 -15.09 15.88
CA VAL A 499 -1.67 -15.64 14.64
C VAL A 499 -0.66 -14.66 14.02
N PHE A 500 -0.98 -13.37 14.06
CA PHE A 500 -0.04 -12.35 13.58
C PHE A 500 1.29 -12.47 14.31
N ALA A 501 1.24 -12.61 15.63
CA ALA A 501 2.46 -12.71 16.40
C ALA A 501 3.25 -13.96 16.03
N VAL A 502 2.56 -15.08 15.84
CA VAL A 502 3.24 -16.32 15.45
C VAL A 502 3.95 -16.10 14.12
N LEU A 503 3.24 -15.54 13.14
CA LEU A 503 3.84 -15.30 11.84
C LEU A 503 5.04 -14.38 11.96
N GLY A 504 4.91 -13.30 12.72
CA GLY A 504 5.98 -12.33 12.86
C GLY A 504 7.22 -12.95 13.46
N LEU A 505 7.06 -13.64 14.59
CA LEU A 505 8.22 -14.21 15.26
C LEU A 505 8.88 -15.29 14.39
N ILE A 506 8.08 -16.14 13.75
CA ILE A 506 8.68 -17.18 12.91
C ILE A 506 9.44 -16.55 11.76
N ALA A 507 8.87 -15.50 11.15
CA ALA A 507 9.57 -14.82 10.06
C ALA A 507 10.86 -14.20 10.54
N GLY A 508 10.83 -13.56 11.71
CA GLY A 508 12.04 -12.97 12.25
C GLY A 508 13.12 -14.02 12.49
N GLY A 509 12.73 -15.17 13.02
CA GLY A 509 13.70 -16.24 13.19
C GLY A 509 14.27 -16.71 11.86
N LEU A 510 13.40 -16.94 10.88
CA LEU A 510 13.87 -17.40 9.58
C LEU A 510 14.79 -16.39 8.92
N VAL A 511 14.60 -15.11 9.21
CA VAL A 511 15.44 -14.08 8.58
C VAL A 511 16.90 -14.31 8.89
N LEU A 512 17.20 -14.75 10.11
CA LEU A 512 18.59 -14.93 10.51
C LEU A 512 19.35 -15.85 9.56
N LEU A 513 18.64 -16.80 8.94
CA LEU A 513 19.31 -17.75 8.04
C LEU A 513 19.84 -17.07 6.79
N LEU A 514 19.20 -16.00 6.34
CA LEU A 514 19.60 -15.36 5.10
C LEU A 514 21.05 -14.87 5.20
N PRO A 515 21.87 -15.06 4.17
CA PRO A 515 23.26 -14.62 4.26
C PRO A 515 23.36 -13.12 4.41
N GLU A 516 24.42 -12.68 5.09
CA GLU A 516 24.61 -11.27 5.38
C GLU A 516 25.26 -10.56 4.20
N THR A 517 24.86 -9.30 3.99
CA THR A 517 25.51 -8.43 3.02
C THR A 517 25.76 -7.08 3.69
N LYS A 518 27.02 -6.77 3.93
CA LYS A 518 27.39 -5.50 4.54
C LYS A 518 28.19 -4.64 3.58
N GLY A 519 29.26 -5.22 3.04
CA GLY A 519 30.13 -4.52 2.11
C GLY A 519 30.24 -5.21 0.76
N LYS A 520 29.55 -6.32 0.60
CA LYS A 520 29.64 -7.10 -0.62
C LYS A 520 29.02 -6.32 -1.77
N PRO A 521 29.71 -6.15 -2.90
CA PRO A 521 29.05 -5.56 -4.06
C PRO A 521 27.97 -6.49 -4.58
N LEU A 522 26.86 -5.90 -5.02
CA LEU A 522 25.74 -6.72 -5.46
C LEU A 522 26.16 -7.59 -6.64
N PRO A 523 25.80 -8.86 -6.66
CA PRO A 523 26.30 -9.76 -7.69
C PRO A 523 25.73 -9.44 -9.06
N GLU A 524 26.49 -9.81 -10.09
CA GLU A 524 26.08 -9.64 -11.47
C GLU A 524 26.10 -10.94 -12.26
N THR A 525 26.19 -12.08 -11.59
CA THR A 525 26.17 -13.38 -12.24
C THR A 525 25.44 -14.36 -11.33
N ILE A 526 25.11 -15.53 -11.90
CA ILE A 526 24.41 -16.54 -11.11
C ILE A 526 25.39 -17.31 -10.23
N GLU A 527 26.60 -17.57 -10.72
CA GLU A 527 27.58 -18.26 -9.90
C GLU A 527 27.92 -17.45 -8.65
N ASP A 528 28.06 -16.14 -8.79
CA ASP A 528 28.34 -15.30 -7.63
C ASP A 528 27.25 -15.44 -6.58
N ALA A 529 25.99 -15.41 -7.00
CA ALA A 529 24.90 -15.62 -6.06
C ALA A 529 24.91 -17.03 -5.49
N GLU A 530 25.48 -17.99 -6.23
CA GLU A 530 25.49 -19.37 -5.75
C GLU A 530 26.21 -19.50 -4.42
N ASN A 531 27.37 -18.86 -4.29
CA ASN A 531 28.21 -18.95 -3.09
C ASN A 531 28.56 -17.54 -2.61
N PRO A 532 27.62 -16.87 -1.94
CA PRO A 532 27.91 -15.49 -1.52
C PRO A 532 29.12 -15.36 -0.62
N HIS A 533 29.44 -16.39 0.17
CA HIS A 533 30.56 -16.30 1.09
C HIS A 533 31.87 -16.06 0.34
N ARG A 534 32.07 -16.78 -0.76
CA ARG A 534 33.30 -16.64 -1.54
C ARG A 534 33.30 -15.32 -2.32
#